data_7PWS
#
_entry.id   7PWS
#
_cell.length_a   45.100
_cell.length_b   69.240
_cell.length_c   160.780
_cell.angle_alpha   90.000
_cell.angle_beta   90.000
_cell.angle_gamma   90.000
#
_symmetry.space_group_name_H-M   'P 21 21 21'
#
loop_
_entity.id
_entity.type
_entity.pdbx_description
1 polymer 'Protein mono-ADP-ribosyltransferase PARP15'
2 non-polymer 6-(cyclobutylmethoxy)phthalazine-1,4-dione
3 water water
#
_entity_poly.entity_id   1
_entity_poly.type   'polypeptide(L)'
_entity_poly.pdbx_seq_one_letter_code
;MHHHHHHSSGVDLGTENLYFQSMNLPEHWTDMNHQLFCMVQLEPGQSEYNTIKDKFTRTCSSYAIEKIERIQNAFLWQSY
QVKKRQMDIKNDHKNNERLLFHGTDADSVPYVNQHGFNRSCAGKNAVSYGKGTYFAVDASYSAKDTYSKPDSNGRKHMYV
VRVLTGVFTKGRAGLVTPPPKNPHNPTDLFDSVTNNTRSPKLFVVFFDNQAYPEYLITFTA
;
_entity_poly.pdbx_strand_id   A,B
#
loop_
_chem_comp.id
_chem_comp.type
_chem_comp.name
_chem_comp.formula
8BW non-polymer 6-(cyclobutylmethoxy)phthalazine-1,4-dione 'C13 H12 N2 O3'
#
# COMPACT_ATOMS: atom_id res chain seq x y z
N LEU A 25 -18.87 -6.58 6.25
CA LEU A 25 -19.37 -5.50 5.31
C LEU A 25 -20.45 -4.68 6.02
N PRO A 26 -20.33 -3.33 6.03
CA PRO A 26 -21.13 -2.49 6.93
C PRO A 26 -22.64 -2.57 6.72
N GLU A 27 -23.40 -2.31 7.78
CA GLU A 27 -24.89 -2.48 7.83
C GLU A 27 -25.56 -1.65 6.73
N HIS A 28 -25.16 -0.39 6.56
CA HIS A 28 -25.81 0.61 5.67
C HIS A 28 -25.54 0.30 4.18
N TRP A 29 -24.60 -0.59 3.85
CA TRP A 29 -24.46 -1.09 2.45
C TRP A 29 -25.75 -1.83 2.09
N THR A 30 -26.09 -1.82 0.81
CA THR A 30 -27.22 -2.57 0.25
C THR A 30 -26.65 -3.80 -0.46
N ASP A 31 -27.47 -4.84 -0.61
CA ASP A 31 -27.08 -6.18 -1.12
C ASP A 31 -26.39 -6.04 -2.48
N MET A 32 -25.36 -6.83 -2.73
CA MET A 32 -24.55 -6.71 -3.97
C MET A 32 -24.67 -7.97 -4.84
N ASN A 33 -25.61 -8.86 -4.53
CA ASN A 33 -25.89 -10.07 -5.35
C ASN A 33 -24.58 -10.82 -5.57
N HIS A 34 -23.80 -11.01 -4.50
CA HIS A 34 -22.53 -11.78 -4.49
C HIS A 34 -21.47 -11.13 -5.41
N GLN A 35 -21.59 -9.84 -5.71
CA GLN A 35 -20.52 -9.03 -6.37
C GLN A 35 -19.65 -8.40 -5.28
N LEU A 36 -18.45 -7.93 -5.61
CA LEU A 36 -17.49 -7.37 -4.62
C LEU A 36 -17.37 -5.85 -4.79
N PHE A 37 -17.90 -5.30 -5.88
CA PHE A 37 -17.87 -3.83 -6.17
C PHE A 37 -19.23 -3.37 -6.71
N CYS A 38 -19.77 -2.29 -6.16
CA CYS A 38 -20.96 -1.58 -6.71
CA CYS A 38 -20.87 -1.54 -6.81
C CYS A 38 -20.92 -0.10 -6.30
N MET A 39 -21.36 0.79 -7.19
CA MET A 39 -21.63 2.22 -6.91
C MET A 39 -23.15 2.35 -6.76
N VAL A 40 -23.64 2.81 -5.63
CA VAL A 40 -25.10 2.86 -5.34
C VAL A 40 -25.52 4.33 -5.25
N GLN A 41 -26.36 4.78 -6.18
CA GLN A 41 -26.86 6.17 -6.16
C GLN A 41 -27.73 6.32 -4.91
N LEU A 42 -27.49 7.33 -4.08
CA LEU A 42 -28.32 7.57 -2.87
C LEU A 42 -29.63 8.25 -3.28
N GLU A 43 -30.70 7.95 -2.54
CA GLU A 43 -32.05 8.57 -2.66
C GLU A 43 -32.02 9.95 -1.99
N PRO A 44 -32.27 11.05 -2.73
CA PRO A 44 -32.42 12.37 -2.11
C PRO A 44 -33.48 12.39 -1.01
N GLY A 45 -33.22 13.13 0.07
CA GLY A 45 -34.17 13.34 1.17
C GLY A 45 -34.11 12.24 2.22
N GLN A 46 -33.36 11.16 1.98
CA GLN A 46 -33.16 10.12 3.03
C GLN A 46 -31.95 10.50 3.88
N SER A 47 -31.94 9.98 5.10
CA SER A 47 -31.00 10.28 6.21
C SER A 47 -29.55 10.26 5.72
N GLU A 48 -29.15 9.24 4.97
CA GLU A 48 -27.75 9.04 4.53
C GLU A 48 -27.38 10.16 3.55
N TYR A 49 -28.18 10.33 2.50
CA TYR A 49 -27.99 11.41 1.49
C TYR A 49 -27.90 12.76 2.22
N ASN A 50 -28.80 13.03 3.18
CA ASN A 50 -28.88 14.32 3.90
C ASN A 50 -27.61 14.55 4.73
N THR A 51 -27.09 13.52 5.39
CA THR A 51 -25.85 13.60 6.20
C THR A 51 -24.70 14.04 5.29
N ILE A 52 -24.54 13.37 4.16
CA ILE A 52 -23.40 13.64 3.23
C ILE A 52 -23.61 15.01 2.58
N LYS A 53 -24.82 15.33 2.10
CA LYS A 53 -25.11 16.66 1.47
C LYS A 53 -24.75 17.78 2.47
N ASP A 54 -25.11 17.64 3.74
CA ASP A 54 -24.86 18.71 4.76
C ASP A 54 -23.35 18.92 4.97
N LYS A 55 -22.55 17.85 4.97
CA LYS A 55 -21.08 17.97 5.15
C LYS A 55 -20.49 18.81 4.01
N PHE A 56 -20.97 18.59 2.78
CA PHE A 56 -20.57 19.31 1.56
C PHE A 56 -21.06 20.77 1.62
N THR A 57 -22.36 20.99 1.87
CA THR A 57 -22.97 22.35 1.76
C THR A 57 -22.54 23.26 2.91
N ARG A 58 -21.99 22.72 4.00
CA ARG A 58 -21.30 23.53 5.05
C ARG A 58 -20.40 24.59 4.41
N THR A 59 -19.68 24.26 3.33
CA THR A 59 -18.73 25.19 2.67
C THR A 59 -19.02 25.34 1.17
N CYS A 60 -19.90 24.52 0.58
CA CYS A 60 -20.13 24.45 -0.89
C CYS A 60 -21.61 24.66 -1.24
N SER A 61 -22.33 25.54 -0.52
CA SER A 61 -23.79 25.71 -0.72
C SER A 61 -24.11 26.43 -2.03
N SER A 62 -23.14 27.08 -2.68
CA SER A 62 -23.35 27.78 -3.98
C SER A 62 -23.23 26.79 -5.16
N TYR A 63 -22.89 25.52 -4.91
CA TYR A 63 -22.74 24.50 -5.98
C TYR A 63 -24.09 23.80 -6.17
N ALA A 64 -24.22 23.00 -7.23
CA ALA A 64 -25.44 22.21 -7.54
C ALA A 64 -25.06 20.74 -7.55
N ILE A 65 -25.63 19.95 -6.63
CA ILE A 65 -25.40 18.48 -6.52
C ILE A 65 -26.27 17.77 -7.55
N GLU A 66 -25.65 17.04 -8.47
CA GLU A 66 -26.39 16.21 -9.46
CA GLU A 66 -26.36 16.19 -9.48
C GLU A 66 -26.69 14.85 -8.82
N LYS A 67 -25.70 14.25 -8.15
CA LYS A 67 -25.96 12.96 -7.43
C LYS A 67 -24.86 12.69 -6.40
N ILE A 68 -25.20 11.82 -5.44
CA ILE A 68 -24.25 11.23 -4.47
C ILE A 68 -24.36 9.71 -4.60
N GLU A 69 -23.22 9.04 -4.77
CA GLU A 69 -23.14 7.57 -4.89
C GLU A 69 -22.35 7.03 -3.69
N ARG A 70 -22.81 5.91 -3.13
CA ARG A 70 -22.09 5.18 -2.06
C ARG A 70 -21.15 4.19 -2.74
N ILE A 71 -19.87 4.23 -2.41
CA ILE A 71 -18.86 3.29 -2.96
C ILE A 71 -18.83 2.02 -2.11
N GLN A 72 -19.25 0.90 -2.69
CA GLN A 72 -19.23 -0.41 -2.00
C GLN A 72 -18.13 -1.24 -2.68
N ASN A 73 -16.90 -1.15 -2.15
CA ASN A 73 -15.73 -1.90 -2.68
C ASN A 73 -15.27 -2.83 -1.55
N ALA A 74 -15.67 -4.11 -1.60
CA ALA A 74 -15.43 -5.08 -0.52
C ALA A 74 -13.93 -5.19 -0.20
N PHE A 75 -13.09 -5.32 -1.22
CA PHE A 75 -11.62 -5.55 -1.04
C PHE A 75 -10.97 -4.32 -0.42
N LEU A 76 -11.28 -3.12 -0.91
CA LEU A 76 -10.70 -1.86 -0.33
C LEU A 76 -11.15 -1.76 1.13
N TRP A 77 -12.42 -2.02 1.39
CA TRP A 77 -13.00 -1.94 2.75
C TRP A 77 -12.26 -2.90 3.68
N GLN A 78 -12.07 -4.16 3.27
CA GLN A 78 -11.34 -5.20 4.05
CA GLN A 78 -11.36 -5.17 4.11
C GLN A 78 -9.95 -4.66 4.42
N SER A 79 -9.21 -4.20 3.41
CA SER A 79 -7.79 -3.77 3.58
C SER A 79 -7.73 -2.54 4.49
N TYR A 80 -8.66 -1.61 4.33
CA TYR A 80 -8.79 -0.44 5.22
C TYR A 80 -9.13 -0.84 6.66
N GLN A 81 -10.07 -1.78 6.87
CA GLN A 81 -10.55 -2.16 8.23
C GLN A 81 -9.40 -2.84 8.98
N VAL A 82 -8.56 -3.58 8.27
CA VAL A 82 -7.35 -4.24 8.85
C VAL A 82 -6.40 -3.15 9.35
N LYS A 83 -6.10 -2.16 8.51
CA LYS A 83 -5.19 -1.05 8.90
CA LYS A 83 -5.20 -1.04 8.89
C LYS A 83 -5.81 -0.31 10.10
N LYS A 84 -7.13 -0.13 10.11
CA LYS A 84 -7.81 0.58 11.22
C LYS A 84 -7.60 -0.19 12.54
N ARG A 85 -7.83 -1.50 12.55
CA ARG A 85 -7.66 -2.35 13.76
C ARG A 85 -6.20 -2.24 14.23
N GLN A 86 -5.25 -2.27 13.30
CA GLN A 86 -3.81 -2.20 13.58
C GLN A 86 -3.48 -0.84 14.20
N MET A 87 -4.00 0.25 13.64
CA MET A 87 -3.71 1.62 14.14
C MET A 87 -4.34 1.79 15.53
N ASP A 88 -5.54 1.23 15.76
CA ASP A 88 -6.24 1.28 17.07
C ASP A 88 -5.38 0.57 18.12
N ILE A 89 -4.75 -0.57 17.80
CA ILE A 89 -3.79 -1.29 18.70
C ILE A 89 -2.52 -0.46 18.92
N LYS A 90 -1.86 -0.03 17.84
CA LYS A 90 -0.57 0.73 17.90
CA LYS A 90 -0.58 0.73 17.90
C LYS A 90 -0.74 1.97 18.80
N ASN A 91 -1.83 2.70 18.63
CA ASN A 91 -2.06 4.02 19.26
C ASN A 91 -2.80 3.88 20.60
N ASP A 92 -3.33 2.70 20.92
CA ASP A 92 -3.90 2.38 22.27
C ASP A 92 -5.15 3.24 22.54
N HIS A 93 -5.80 3.72 21.49
CA HIS A 93 -7.09 4.45 21.55
CA HIS A 93 -7.08 4.49 21.54
C HIS A 93 -7.78 4.32 20.18
N LYS A 94 -9.08 4.61 20.13
CA LYS A 94 -9.95 4.29 18.96
C LYS A 94 -10.38 5.54 18.18
N ASN A 95 -9.65 6.65 18.26
CA ASN A 95 -10.06 7.91 17.57
C ASN A 95 -9.04 8.27 16.47
N ASN A 96 -8.79 7.37 15.53
CA ASN A 96 -7.75 7.50 14.49
C ASN A 96 -8.32 7.93 13.13
N GLU A 97 -9.64 8.03 13.00
CA GLU A 97 -10.37 8.17 11.70
C GLU A 97 -10.98 9.57 11.61
N ARG A 98 -10.91 10.20 10.43
CA ARG A 98 -11.56 11.50 10.09
C ARG A 98 -12.28 11.36 8.75
N LEU A 99 -13.38 12.10 8.57
CA LEU A 99 -14.08 12.14 7.28
C LEU A 99 -13.60 13.38 6.52
N LEU A 100 -12.94 13.19 5.39
CA LEU A 100 -12.30 14.29 4.63
C LEU A 100 -12.74 14.25 3.16
N PHE A 101 -12.35 15.25 2.38
CA PHE A 101 -12.75 15.43 0.97
C PHE A 101 -11.54 15.30 0.06
N HIS A 102 -11.78 14.77 -1.13
CA HIS A 102 -10.76 14.69 -2.19
C HIS A 102 -11.41 14.96 -3.54
N GLY A 103 -11.06 16.09 -4.17
CA GLY A 103 -11.45 16.43 -5.55
C GLY A 103 -10.55 15.71 -6.53
N THR A 104 -11.11 15.16 -7.60
CA THR A 104 -10.26 14.60 -8.68
C THR A 104 -10.90 14.85 -10.03
N ASP A 105 -10.12 14.63 -11.09
CA ASP A 105 -10.59 14.72 -12.51
C ASP A 105 -11.43 13.48 -12.83
N ALA A 106 -12.33 13.62 -13.79
CA ALA A 106 -13.30 12.58 -14.22
C ALA A 106 -12.55 11.31 -14.66
N ASP A 107 -11.40 11.44 -15.31
CA ASP A 107 -10.64 10.27 -15.83
C ASP A 107 -10.04 9.45 -14.68
N SER A 108 -9.89 10.00 -13.47
CA SER A 108 -9.34 9.26 -12.29
C SER A 108 -10.45 8.54 -11.50
N VAL A 109 -11.72 8.88 -11.75
CA VAL A 109 -12.86 8.35 -10.95
C VAL A 109 -12.93 6.82 -11.03
N PRO A 110 -12.87 6.18 -12.22
CA PRO A 110 -12.93 4.72 -12.27
C PRO A 110 -11.82 4.04 -11.46
N TYR A 111 -10.60 4.56 -11.55
CA TYR A 111 -9.43 4.00 -10.81
C TYR A 111 -9.70 4.11 -9.31
N VAL A 112 -10.08 5.28 -8.82
CA VAL A 112 -10.28 5.48 -7.34
C VAL A 112 -11.40 4.56 -6.85
N ASN A 113 -12.49 4.46 -7.60
CA ASN A 113 -13.64 3.60 -7.22
C ASN A 113 -13.15 2.17 -6.98
N GLN A 114 -12.28 1.67 -7.85
CA GLN A 114 -11.88 0.25 -7.92
C GLN A 114 -10.64 0.00 -7.06
N HIS A 115 -9.70 0.95 -7.01
CA HIS A 115 -8.34 0.73 -6.44
C HIS A 115 -8.03 1.70 -5.30
N GLY A 116 -8.87 2.71 -5.07
CA GLY A 116 -8.61 3.73 -4.03
C GLY A 116 -7.53 4.72 -4.44
N PHE A 117 -6.84 5.30 -3.46
CA PHE A 117 -5.91 6.44 -3.67
C PHE A 117 -4.50 5.88 -3.79
N ASN A 118 -3.73 6.44 -4.71
CA ASN A 118 -2.38 5.93 -5.05
C ASN A 118 -1.44 7.11 -5.14
N ARG A 119 -0.49 7.19 -4.20
CA ARG A 119 0.46 8.32 -4.08
C ARG A 119 1.33 8.38 -5.35
N SER A 120 1.42 7.30 -6.12
CA SER A 120 2.31 7.23 -7.31
C SER A 120 1.68 7.95 -8.51
N CYS A 121 0.42 8.39 -8.41
CA CYS A 121 -0.35 8.97 -9.55
C CYS A 121 -0.27 10.50 -9.50
N ASN A 125 -0.29 18.54 -9.54
CA ASN A 125 -0.67 19.50 -8.45
C ASN A 125 0.49 19.58 -7.45
N ALA A 126 0.51 20.61 -6.59
CA ALA A 126 1.56 20.81 -5.56
C ALA A 126 1.52 19.66 -4.55
N VAL A 127 2.69 19.29 -4.02
CA VAL A 127 2.91 18.23 -3.00
C VAL A 127 3.81 18.81 -1.89
N SER A 128 3.47 20.04 -1.48
CA SER A 128 4.20 20.90 -0.54
C SER A 128 4.40 20.25 0.84
N TYR A 129 3.55 19.30 1.24
CA TYR A 129 3.61 18.67 2.59
C TYR A 129 4.00 17.19 2.48
N GLY A 130 4.40 16.73 1.29
CA GLY A 130 4.94 15.38 1.10
C GLY A 130 4.35 14.69 -0.09
N LYS A 131 5.01 13.63 -0.57
CA LYS A 131 4.58 12.82 -1.73
C LYS A 131 3.60 11.74 -1.24
N GLY A 132 2.41 12.17 -0.82
CA GLY A 132 1.30 11.29 -0.40
C GLY A 132 0.03 11.66 -1.13
N THR A 133 -1.10 11.16 -0.65
CA THR A 133 -2.44 11.56 -1.14
C THR A 133 -2.97 12.60 -0.18
N TYR A 134 -3.54 13.67 -0.73
CA TYR A 134 -4.03 14.87 -0.02
C TYR A 134 -5.54 14.76 0.20
N PHE A 135 -5.99 15.10 1.40
CA PHE A 135 -7.42 15.19 1.77
C PHE A 135 -7.66 16.52 2.48
N ALA A 136 -8.79 17.17 2.19
CA ALA A 136 -9.15 18.49 2.75
C ALA A 136 -10.20 18.33 3.85
N VAL A 137 -10.10 19.16 4.89
CA VAL A 137 -11.13 19.28 5.96
C VAL A 137 -12.40 19.89 5.36
N ASP A 138 -12.27 20.88 4.47
CA ASP A 138 -13.42 21.62 3.85
C ASP A 138 -13.63 21.23 2.39
N ALA A 139 -14.89 20.95 2.03
CA ALA A 139 -15.26 20.64 0.63
C ALA A 139 -14.85 21.82 -0.28
N SER A 140 -14.93 23.06 0.21
CA SER A 140 -14.59 24.27 -0.58
C SER A 140 -13.17 24.15 -1.14
N TYR A 141 -12.23 23.61 -0.37
CA TYR A 141 -10.81 23.47 -0.80
C TYR A 141 -10.73 22.47 -1.97
N SER A 142 -11.36 21.30 -1.83
CA SER A 142 -11.40 20.24 -2.86
C SER A 142 -12.23 20.70 -4.06
N ALA A 143 -13.14 21.67 -3.93
CA ALA A 143 -14.02 22.13 -5.05
C ALA A 143 -13.24 23.03 -6.03
N LYS A 144 -12.01 23.44 -5.72
CA LYS A 144 -11.18 24.22 -6.68
C LYS A 144 -11.02 23.43 -7.99
N ASP A 145 -11.08 24.13 -9.12
CA ASP A 145 -11.01 23.51 -10.47
C ASP A 145 -9.67 22.79 -10.66
N THR A 146 -8.61 23.19 -9.99
CA THR A 146 -7.29 22.49 -10.08
C THR A 146 -7.37 21.05 -9.52
N TYR A 147 -8.31 20.76 -8.60
CA TYR A 147 -8.50 19.42 -7.95
C TYR A 147 -9.69 18.72 -8.59
N SER A 148 -10.90 19.26 -8.42
CA SER A 148 -12.13 18.71 -9.02
C SER A 148 -12.33 19.32 -10.41
N LYS A 149 -11.47 18.93 -11.35
CA LYS A 149 -11.39 19.53 -12.72
C LYS A 149 -12.73 19.33 -13.42
N PRO A 150 -13.39 20.41 -13.91
CA PRO A 150 -14.65 20.26 -14.62
C PRO A 150 -14.42 19.46 -15.90
N ASP A 151 -15.25 18.45 -16.19
CA ASP A 151 -15.15 17.61 -17.41
C ASP A 151 -15.77 18.40 -18.58
N SER A 152 -15.87 17.77 -19.76
CA SER A 152 -16.33 18.44 -21.01
C SER A 152 -17.79 18.90 -20.89
N ASN A 153 -18.53 18.42 -19.88
CA ASN A 153 -19.95 18.78 -19.61
C ASN A 153 -20.10 19.72 -18.41
N GLY A 154 -19.00 20.18 -17.78
CA GLY A 154 -19.03 21.08 -16.60
C GLY A 154 -19.14 20.34 -15.26
N ARG A 155 -19.23 19.01 -15.28
CA ARG A 155 -19.42 18.20 -14.05
C ARG A 155 -18.09 18.09 -13.29
N LYS A 156 -18.14 18.32 -11.97
CA LYS A 156 -17.00 18.19 -11.02
C LYS A 156 -17.22 16.96 -10.14
N HIS A 157 -16.15 16.34 -9.64
CA HIS A 157 -16.21 15.10 -8.83
C HIS A 157 -15.39 15.25 -7.56
N MET A 158 -15.99 14.89 -6.43
CA MET A 158 -15.33 14.95 -5.12
C MET A 158 -15.74 13.73 -4.30
N TYR A 159 -14.77 13.04 -3.72
CA TYR A 159 -15.01 11.92 -2.77
C TYR A 159 -15.15 12.48 -1.37
N VAL A 160 -16.00 11.81 -0.60
CA VAL A 160 -15.99 11.85 0.89
C VAL A 160 -15.27 10.59 1.32
N VAL A 161 -14.22 10.75 2.15
CA VAL A 161 -13.20 9.71 2.38
C VAL A 161 -13.03 9.48 3.88
N ARG A 162 -13.08 8.22 4.30
CA ARG A 162 -12.65 7.79 5.65
C ARG A 162 -11.13 7.71 5.65
N VAL A 163 -10.47 8.52 6.47
CA VAL A 163 -8.98 8.60 6.45
C VAL A 163 -8.42 8.27 7.84
N LEU A 164 -7.46 7.36 7.89
CA LEU A 164 -6.76 7.02 9.15
C LEU A 164 -5.65 8.06 9.36
N THR A 165 -6.03 9.23 9.87
CA THR A 165 -5.09 10.33 10.19
C THR A 165 -4.25 9.97 11.43
N GLY A 166 -4.80 9.22 12.39
CA GLY A 166 -4.08 8.79 13.60
C GLY A 166 -3.40 9.93 14.33
N VAL A 167 -2.16 9.74 14.75
CA VAL A 167 -1.31 10.77 15.41
C VAL A 167 -0.55 11.47 14.29
N PHE A 168 -0.64 12.80 14.22
CA PHE A 168 -0.11 13.54 13.05
C PHE A 168 0.83 14.65 13.50
N THR A 169 1.60 15.17 12.54
CA THR A 169 2.61 16.23 12.74
C THR A 169 2.65 17.08 11.47
N LYS A 170 3.33 18.21 11.53
CA LYS A 170 3.47 19.13 10.39
C LYS A 170 4.29 18.43 9.29
N GLY A 171 3.80 18.44 8.06
CA GLY A 171 4.55 17.90 6.92
C GLY A 171 5.53 18.91 6.37
N ARG A 172 6.22 18.53 5.30
CA ARG A 172 7.22 19.37 4.61
CA ARG A 172 7.19 19.39 4.58
C ARG A 172 7.46 18.75 3.22
N ALA A 173 7.97 19.53 2.28
CA ALA A 173 8.19 19.10 0.89
C ALA A 173 9.18 17.94 0.88
N GLY A 174 8.91 16.92 0.08
CA GLY A 174 9.84 15.82 -0.19
C GLY A 174 9.65 14.59 0.70
N LEU A 175 8.82 14.64 1.76
CA LEU A 175 8.55 13.44 2.61
C LEU A 175 8.05 12.30 1.70
N VAL A 176 8.55 11.09 1.88
CA VAL A 176 8.00 9.87 1.20
C VAL A 176 7.20 9.04 2.22
N THR A 177 7.42 9.27 3.52
CA THR A 177 6.65 8.67 4.64
C THR A 177 6.49 9.75 5.70
N PRO A 178 5.59 9.59 6.70
CA PRO A 178 5.57 10.54 7.80
C PRO A 178 6.89 10.49 8.56
N PRO A 179 7.27 11.56 9.29
CA PRO A 179 8.47 11.55 10.11
C PRO A 179 8.36 10.56 11.26
N PRO A 180 9.49 10.15 11.90
CA PRO A 180 9.41 9.40 13.15
C PRO A 180 8.90 10.26 14.32
N LYS A 181 8.24 9.64 15.30
CA LYS A 181 7.74 10.33 16.53
C LYS A 181 8.92 10.73 17.41
N ASN A 182 10.00 9.96 17.37
CA ASN A 182 11.28 10.28 18.04
C ASN A 182 12.41 9.75 17.17
N PRO A 183 13.35 10.60 16.69
CA PRO A 183 14.47 10.12 15.87
C PRO A 183 15.42 9.13 16.60
N HIS A 184 15.22 8.88 17.90
CA HIS A 184 15.90 7.81 18.68
C HIS A 184 15.36 6.44 18.27
N ASN A 185 14.13 6.38 17.75
CA ASN A 185 13.52 5.17 17.12
C ASN A 185 12.96 5.55 15.75
N PRO A 186 13.80 5.56 14.69
CA PRO A 186 13.38 6.11 13.41
C PRO A 186 12.30 5.33 12.65
N THR A 187 11.90 4.13 13.10
CA THR A 187 10.87 3.31 12.38
C THR A 187 9.48 3.43 13.02
N ASP A 188 9.35 4.09 14.17
CA ASP A 188 8.04 4.34 14.82
C ASP A 188 7.48 5.67 14.30
N LEU A 189 6.56 5.63 13.34
CA LEU A 189 6.18 6.81 12.50
C LEU A 189 4.88 7.45 13.02
N PHE A 190 4.75 8.76 12.82
CA PHE A 190 3.44 9.46 12.77
C PHE A 190 2.58 8.73 11.74
N ASP A 191 1.25 8.80 11.86
CA ASP A 191 0.31 8.12 10.93
C ASP A 191 0.07 8.99 9.69
N SER A 192 0.14 10.30 9.83
CA SER A 192 -0.09 11.26 8.72
C SER A 192 0.60 12.59 9.01
N VAL A 193 0.62 13.46 8.01
CA VAL A 193 1.09 14.85 8.22
C VAL A 193 -0.03 15.82 7.88
N THR A 194 0.15 17.07 8.30
CA THR A 194 -0.84 18.16 8.10
C THR A 194 -0.10 19.45 7.77
N ASN A 195 -0.85 20.48 7.37
CA ASN A 195 -0.32 21.84 7.11
C ASN A 195 -0.10 22.54 8.46
N ASN A 196 -0.90 22.22 9.47
CA ASN A 196 -0.97 22.97 10.76
C ASN A 196 -1.56 22.04 11.83
N THR A 197 -0.78 21.68 12.86
CA THR A 197 -1.19 20.69 13.88
C THR A 197 -2.29 21.25 14.77
N ARG A 198 -2.27 22.57 15.06
CA ARG A 198 -3.24 23.21 15.99
C ARG A 198 -4.61 23.31 15.31
N SER A 199 -4.66 23.64 14.03
CA SER A 199 -5.92 23.88 13.28
C SER A 199 -5.76 23.31 11.86
N PRO A 200 -5.78 21.98 11.70
CA PRO A 200 -5.49 21.36 10.41
C PRO A 200 -6.56 21.66 9.35
N LYS A 201 -6.15 21.92 8.12
CA LYS A 201 -7.09 22.06 6.97
C LYS A 201 -6.82 20.98 5.92
N LEU A 202 -5.68 20.31 5.97
CA LEU A 202 -5.44 19.18 5.04
C LEU A 202 -4.56 18.14 5.71
N PHE A 203 -4.68 16.91 5.23
CA PHE A 203 -3.92 15.74 5.73
C PHE A 203 -3.32 15.03 4.51
N VAL A 204 -2.15 14.45 4.71
CA VAL A 204 -1.44 13.65 3.68
C VAL A 204 -1.20 12.27 4.31
N VAL A 205 -1.59 11.21 3.62
CA VAL A 205 -1.22 9.81 4.02
C VAL A 205 -0.36 9.21 2.92
N PHE A 206 0.50 8.27 3.30
CA PHE A 206 1.64 7.81 2.46
C PHE A 206 1.56 6.32 2.19
N PHE A 207 0.48 5.66 2.61
CA PHE A 207 0.35 4.19 2.47
C PHE A 207 -0.99 3.84 1.84
N ASP A 208 -0.99 2.78 1.03
CA ASP A 208 -2.22 2.22 0.42
C ASP A 208 -3.13 1.80 1.58
N ASN A 209 -4.44 1.97 1.42
CA ASN A 209 -5.42 1.36 2.36
C ASN A 209 -5.39 2.13 3.71
N GLN A 210 -4.88 3.37 3.74
CA GLN A 210 -5.11 4.31 4.88
C GLN A 210 -6.32 5.21 4.59
N ALA A 211 -6.96 5.07 3.43
CA ALA A 211 -8.09 5.95 3.02
C ALA A 211 -9.10 5.11 2.26
N TYR A 212 -10.37 5.16 2.67
CA TYR A 212 -11.46 4.45 1.97
C TYR A 212 -12.41 5.48 1.36
N PRO A 213 -12.58 5.49 0.03
CA PRO A 213 -13.49 6.42 -0.63
C PRO A 213 -14.90 5.89 -0.38
N GLU A 214 -15.71 6.62 0.39
CA GLU A 214 -17.03 6.14 0.89
C GLU A 214 -18.16 6.69 0.01
N TYR A 215 -18.07 7.96 -0.41
CA TYR A 215 -19.08 8.61 -1.29
C TYR A 215 -18.41 9.41 -2.40
N LEU A 216 -19.04 9.42 -3.58
CA LEU A 216 -18.68 10.27 -4.73
C LEU A 216 -19.81 11.27 -4.97
N ILE A 217 -19.48 12.56 -4.90
CA ILE A 217 -20.41 13.70 -5.16
C ILE A 217 -20.12 14.21 -6.57
N THR A 218 -21.12 14.18 -7.45
CA THR A 218 -21.10 14.79 -8.79
C THR A 218 -21.84 16.12 -8.68
N PHE A 219 -21.21 17.23 -9.07
CA PHE A 219 -21.75 18.59 -8.84
C PHE A 219 -21.25 19.55 -9.92
N THR A 220 -21.84 20.74 -9.99
CA THR A 220 -21.48 21.79 -10.99
C THR A 220 -21.40 23.14 -10.30
N ALA A 221 -20.66 24.07 -10.89
CA ALA A 221 -20.54 25.47 -10.42
C ALA A 221 -21.87 26.19 -10.65
N LEU B 25 -1.91 -15.94 13.23
CA LEU B 25 -0.42 -15.99 13.02
C LEU B 25 0.01 -17.43 12.85
N PRO B 26 1.00 -17.75 11.99
CA PRO B 26 1.38 -19.15 11.76
C PRO B 26 1.80 -19.87 13.07
N GLU B 27 1.39 -21.12 13.24
CA GLU B 27 1.52 -21.85 14.53
C GLU B 27 2.98 -22.23 14.84
N HIS B 28 3.86 -22.27 13.85
CA HIS B 28 5.29 -22.63 14.05
C HIS B 28 6.10 -21.40 14.48
N TRP B 29 5.53 -20.19 14.38
CA TRP B 29 6.23 -18.96 14.84
C TRP B 29 6.50 -19.09 16.33
N THR B 30 7.59 -18.49 16.80
CA THR B 30 7.91 -18.35 18.25
CA THR B 30 7.91 -18.35 18.25
CA THR B 30 7.89 -18.37 18.25
C THR B 30 6.82 -17.49 18.91
N ASP B 31 6.47 -17.82 20.16
CA ASP B 31 5.55 -17.00 20.97
C ASP B 31 6.21 -15.63 21.12
N MET B 32 5.49 -14.54 20.84
CA MET B 32 6.09 -13.18 20.90
C MET B 32 5.65 -12.45 22.18
N ASN B 33 4.74 -13.03 22.98
CA ASN B 33 4.33 -12.46 24.29
C ASN B 33 3.72 -11.08 24.06
N HIS B 34 2.64 -11.01 23.29
CA HIS B 34 1.87 -9.76 23.00
C HIS B 34 2.70 -8.78 22.17
N GLN B 35 3.97 -9.09 21.88
CA GLN B 35 4.84 -8.32 20.94
C GLN B 35 4.32 -8.52 19.51
N LEU B 36 4.47 -7.52 18.65
CA LEU B 36 3.92 -7.55 17.27
C LEU B 36 5.04 -7.85 16.27
N PHE B 37 6.28 -7.94 16.75
CA PHE B 37 7.47 -8.04 15.86
C PHE B 37 8.61 -8.75 16.58
N CYS B 38 9.28 -9.66 15.88
CA CYS B 38 10.59 -10.17 16.32
CA CYS B 38 10.48 -10.38 16.39
C CYS B 38 11.26 -10.94 15.20
N MET B 39 12.59 -10.99 15.29
CA MET B 39 13.48 -11.71 14.35
C MET B 39 13.93 -12.97 15.08
N VAL B 40 13.82 -14.14 14.43
CA VAL B 40 14.19 -15.45 15.03
C VAL B 40 15.35 -16.05 14.24
N GLN B 41 16.47 -16.25 14.91
CA GLN B 41 17.67 -16.87 14.30
C GLN B 41 17.41 -18.36 14.08
N LEU B 42 17.63 -18.85 12.86
CA LEU B 42 17.41 -20.27 12.50
C LEU B 42 18.68 -21.09 12.75
N GLU B 43 18.50 -22.38 12.98
CA GLU B 43 19.60 -23.32 13.32
C GLU B 43 19.94 -24.11 12.07
N PRO B 44 21.22 -24.13 11.62
CA PRO B 44 21.63 -25.00 10.52
C PRO B 44 21.28 -26.44 10.90
N GLY B 45 20.92 -27.26 9.91
CA GLY B 45 20.47 -28.64 10.17
C GLY B 45 18.95 -28.77 10.27
N GLN B 46 18.25 -27.73 10.71
CA GLN B 46 16.77 -27.64 10.58
C GLN B 46 16.43 -27.54 9.08
N SER B 47 15.36 -28.21 8.66
CA SER B 47 14.81 -28.14 7.28
C SER B 47 14.56 -26.67 6.89
N GLU B 48 14.06 -25.85 7.80
CA GLU B 48 13.69 -24.44 7.50
C GLU B 48 14.96 -23.69 7.05
N TYR B 49 16.05 -23.78 7.82
CA TYR B 49 17.37 -23.18 7.48
C TYR B 49 17.88 -23.76 6.17
N ASN B 50 17.89 -25.09 6.08
CA ASN B 50 18.58 -25.81 4.99
C ASN B 50 17.91 -25.51 3.63
N THR B 51 16.59 -25.36 3.55
CA THR B 51 15.92 -25.10 2.24
CA THR B 51 15.89 -25.08 2.26
C THR B 51 16.28 -23.70 1.74
N ILE B 52 16.31 -22.71 2.64
CA ILE B 52 16.70 -21.31 2.29
C ILE B 52 18.17 -21.34 1.85
N LYS B 53 19.04 -22.01 2.59
CA LYS B 53 20.48 -22.09 2.20
C LYS B 53 20.60 -22.72 0.81
N ASP B 54 19.86 -23.80 0.53
CA ASP B 54 19.93 -24.47 -0.81
C ASP B 54 19.38 -23.55 -1.91
N LYS B 55 18.29 -22.83 -1.65
CA LYS B 55 17.68 -21.90 -2.63
C LYS B 55 18.72 -20.83 -2.99
N PHE B 56 19.46 -20.36 -1.98
CA PHE B 56 20.47 -19.28 -2.10
C PHE B 56 21.71 -19.82 -2.83
N THR B 57 22.24 -20.96 -2.40
CA THR B 57 23.55 -21.50 -2.88
C THR B 57 23.43 -22.02 -4.31
N ARG B 58 22.22 -22.32 -4.78
CA ARG B 58 21.96 -22.79 -6.18
C ARG B 58 22.60 -21.82 -7.17
N THR B 59 22.64 -20.51 -6.88
CA THR B 59 23.23 -19.47 -7.77
C THR B 59 24.29 -18.61 -7.05
N CYS B 60 24.49 -18.76 -5.73
CA CYS B 60 25.48 -17.97 -4.94
C CYS B 60 26.43 -18.89 -4.15
N SER B 61 26.95 -19.95 -4.77
CA SER B 61 27.87 -20.93 -4.13
C SER B 61 29.18 -20.26 -3.70
N SER B 62 29.54 -19.10 -4.25
CA SER B 62 30.84 -18.42 -3.95
C SER B 62 30.71 -17.53 -2.69
N TYR B 63 29.51 -17.30 -2.17
CA TYR B 63 29.27 -16.49 -0.93
C TYR B 63 29.08 -17.46 0.23
N ALA B 64 29.18 -16.99 1.47
CA ALA B 64 28.95 -17.81 2.69
C ALA B 64 27.94 -17.10 3.58
N ILE B 65 26.96 -17.86 4.07
CA ILE B 65 25.86 -17.32 4.92
C ILE B 65 26.40 -17.20 6.35
N GLU B 66 26.24 -16.03 6.97
CA GLU B 66 26.52 -15.78 8.39
C GLU B 66 25.35 -16.32 9.21
N LYS B 67 24.13 -15.88 8.88
CA LYS B 67 22.91 -16.32 9.60
C LYS B 67 21.68 -16.09 8.74
N ILE B 68 20.60 -16.78 9.10
CA ILE B 68 19.26 -16.61 8.49
C ILE B 68 18.27 -16.37 9.62
N GLU B 69 17.56 -15.25 9.58
CA GLU B 69 16.54 -14.88 10.58
C GLU B 69 15.15 -14.95 9.94
N ARG B 70 14.23 -15.63 10.63
CA ARG B 70 12.79 -15.62 10.29
C ARG B 70 12.20 -14.29 10.77
N ILE B 71 11.52 -13.59 9.89
CA ILE B 71 10.86 -12.29 10.22
C ILE B 71 9.43 -12.59 10.65
N GLN B 72 9.07 -12.27 11.88
CA GLN B 72 7.71 -12.43 12.44
C GLN B 72 7.16 -11.02 12.67
N ASN B 73 6.42 -10.51 11.68
CA ASN B 73 5.84 -9.15 11.74
C ASN B 73 4.34 -9.34 11.62
N ALA B 74 3.62 -9.25 12.75
CA ALA B 74 2.18 -9.60 12.81
C ALA B 74 1.39 -8.74 11.82
N PHE B 75 1.59 -7.42 11.83
CA PHE B 75 0.82 -6.45 11.00
C PHE B 75 1.12 -6.66 9.53
N LEU B 76 2.39 -6.82 9.14
CA LEU B 76 2.70 -7.01 7.70
C LEU B 76 2.08 -8.32 7.23
N TRP B 77 2.11 -9.33 8.08
CA TRP B 77 1.59 -10.68 7.75
C TRP B 77 0.09 -10.58 7.51
N GLN B 78 -0.63 -9.90 8.40
CA GLN B 78 -2.09 -9.72 8.32
C GLN B 78 -2.47 -9.07 6.99
N SER B 79 -1.85 -7.94 6.67
CA SER B 79 -2.16 -7.14 5.46
C SER B 79 -1.82 -7.95 4.22
N TYR B 80 -0.68 -8.64 4.21
CA TYR B 80 -0.27 -9.51 3.08
C TYR B 80 -1.28 -10.65 2.88
N GLN B 81 -1.68 -11.34 3.96
CA GLN B 81 -2.59 -12.51 3.88
C GLN B 81 -3.96 -12.05 3.36
N VAL B 82 -4.40 -10.84 3.74
CA VAL B 82 -5.66 -10.25 3.18
C VAL B 82 -5.52 -10.06 1.67
N LYS B 83 -4.42 -9.45 1.21
CA LYS B 83 -4.17 -9.25 -0.25
C LYS B 83 -4.09 -10.60 -0.94
N LYS B 84 -3.50 -11.63 -0.32
CA LYS B 84 -3.38 -12.96 -0.97
C LYS B 84 -4.76 -13.58 -1.17
N ARG B 85 -5.59 -13.51 -0.14
CA ARG B 85 -6.96 -14.09 -0.20
C ARG B 85 -7.73 -13.37 -1.32
N GLN B 86 -7.57 -12.06 -1.46
CA GLN B 86 -8.27 -11.27 -2.50
C GLN B 86 -7.80 -11.71 -3.89
N MET B 87 -6.49 -11.89 -4.09
CA MET B 87 -5.94 -12.29 -5.42
C MET B 87 -6.34 -13.74 -5.72
N ASP B 88 -6.40 -14.60 -4.70
CA ASP B 88 -6.85 -16.02 -4.86
C ASP B 88 -8.32 -16.02 -5.30
N ILE B 89 -9.17 -15.14 -4.75
CA ILE B 89 -10.60 -15.01 -5.16
C ILE B 89 -10.63 -14.48 -6.61
N LYS B 90 -9.92 -13.38 -6.87
CA LYS B 90 -10.02 -12.64 -8.17
C LYS B 90 -9.53 -13.53 -9.32
N ASN B 91 -8.44 -14.27 -9.14
CA ASN B 91 -7.75 -14.99 -10.24
C ASN B 91 -8.27 -16.44 -10.34
N ASP B 92 -8.80 -17.03 -9.26
CA ASP B 92 -9.45 -18.37 -9.22
C ASP B 92 -8.52 -19.43 -9.85
N HIS B 93 -7.81 -20.20 -9.01
CA HIS B 93 -7.00 -21.41 -9.36
C HIS B 93 -5.70 -21.02 -10.09
N LYS B 94 -5.12 -19.87 -9.73
CA LYS B 94 -3.73 -19.51 -10.11
C LYS B 94 -2.81 -19.77 -8.91
N ASN B 95 -1.57 -20.18 -9.16
CA ASN B 95 -0.44 -20.03 -8.20
C ASN B 95 -0.09 -18.54 -8.15
N ASN B 96 -0.62 -17.77 -7.20
CA ASN B 96 -0.41 -16.30 -7.19
C ASN B 96 0.89 -15.92 -6.47
N GLU B 97 1.50 -16.83 -5.71
CA GLU B 97 2.61 -16.46 -4.80
C GLU B 97 3.90 -17.15 -5.25
N ARG B 98 4.98 -16.39 -5.34
CA ARG B 98 6.33 -16.91 -5.63
C ARG B 98 7.23 -16.53 -4.48
N LEU B 99 8.27 -17.31 -4.26
CA LEU B 99 9.30 -17.00 -3.25
C LEU B 99 10.49 -16.42 -4.00
N LEU B 100 10.80 -15.16 -3.74
CA LEU B 100 11.79 -14.41 -4.53
C LEU B 100 12.81 -13.75 -3.60
N PHE B 101 13.84 -13.13 -4.17
CA PHE B 101 14.95 -12.52 -3.41
C PHE B 101 14.90 -11.01 -3.60
N HIS B 102 15.34 -10.29 -2.59
CA HIS B 102 15.51 -8.82 -2.65
C HIS B 102 16.77 -8.43 -1.88
N GLY B 103 17.81 -8.00 -2.58
CA GLY B 103 19.02 -7.47 -1.93
C GLY B 103 18.77 -6.04 -1.53
N THR B 104 19.23 -5.62 -0.35
CA THR B 104 19.18 -4.19 0.03
C THR B 104 20.38 -3.80 0.89
N ASP B 105 20.52 -2.49 1.13
CA ASP B 105 21.59 -1.91 1.98
C ASP B 105 21.20 -2.06 3.44
N ALA B 106 22.20 -2.11 4.33
CA ALA B 106 22.00 -2.22 5.79
C ALA B 106 21.09 -1.11 6.31
N ASP B 107 21.18 0.11 5.76
CA ASP B 107 20.39 1.25 6.28
C ASP B 107 18.89 1.04 6.03
N SER B 108 18.50 0.18 5.08
CA SER B 108 17.09 -0.12 4.71
C SER B 108 16.51 -1.26 5.56
N VAL B 109 17.35 -2.09 6.17
CA VAL B 109 16.90 -3.36 6.83
C VAL B 109 15.92 -3.03 7.95
N PRO B 110 16.19 -2.09 8.88
CA PRO B 110 15.24 -1.83 9.96
C PRO B 110 13.85 -1.39 9.42
N TYR B 111 13.80 -0.60 8.36
CA TYR B 111 12.51 -0.12 7.76
C TYR B 111 11.80 -1.32 7.12
N VAL B 112 12.50 -2.13 6.33
CA VAL B 112 11.85 -3.28 5.65
C VAL B 112 11.30 -4.25 6.71
N ASN B 113 12.07 -4.53 7.76
CA ASN B 113 11.68 -5.50 8.82
C ASN B 113 10.35 -5.06 9.46
N GLN B 114 10.19 -3.77 9.73
CA GLN B 114 8.99 -3.18 10.41
C GLN B 114 7.88 -2.88 9.41
N HIS B 115 8.18 -2.36 8.21
CA HIS B 115 7.16 -1.72 7.34
C HIS B 115 7.08 -2.37 5.96
N GLY B 116 7.99 -3.29 5.63
CA GLY B 116 7.96 -3.98 4.33
C GLY B 116 8.53 -3.12 3.20
N PHE B 117 8.10 -3.39 1.97
CA PHE B 117 8.72 -2.84 0.73
C PHE B 117 7.91 -1.65 0.23
N ASN B 118 8.55 -0.47 0.22
CA ASN B 118 7.90 0.81 -0.15
C ASN B 118 8.42 1.25 -1.53
N ARG B 119 7.56 1.22 -2.55
CA ARG B 119 7.93 1.61 -3.94
C ARG B 119 8.46 3.05 -3.95
N SER B 120 8.02 3.91 -3.03
CA SER B 120 8.43 5.33 -2.97
C SER B 120 9.93 5.45 -2.67
N CYS B 121 10.55 4.40 -2.12
CA CYS B 121 11.98 4.35 -1.72
C CYS B 121 12.83 3.58 -2.76
N ALA B 122 12.22 2.98 -3.77
CA ALA B 122 12.88 2.09 -4.75
C ALA B 122 13.80 2.91 -5.67
N GLY B 123 14.94 2.34 -6.06
CA GLY B 123 15.88 2.97 -7.01
C GLY B 123 15.45 2.68 -8.44
N LYS B 124 15.93 3.47 -9.40
CA LYS B 124 15.79 3.11 -10.84
C LYS B 124 16.61 1.83 -11.07
N ASN B 125 16.03 0.80 -11.68
CA ASN B 125 16.77 -0.45 -11.97
C ASN B 125 17.57 -0.26 -13.27
N ALA B 126 18.70 -0.92 -13.42
CA ALA B 126 19.59 -0.79 -14.60
C ALA B 126 18.82 -1.17 -15.88
N VAL B 127 17.89 -2.13 -15.80
CA VAL B 127 16.87 -2.38 -16.86
C VAL B 127 15.51 -2.17 -16.20
N SER B 128 14.86 -1.02 -16.46
CA SER B 128 13.59 -0.67 -15.79
C SER B 128 12.42 -1.26 -16.57
N TYR B 129 11.56 -2.01 -15.87
CA TYR B 129 10.27 -2.53 -16.37
C TYR B 129 9.14 -1.88 -15.60
N GLY B 130 9.41 -0.75 -14.95
CA GLY B 130 8.40 0.03 -14.23
C GLY B 130 8.94 0.56 -12.93
N LYS B 131 8.25 1.57 -12.37
CA LYS B 131 8.64 2.21 -11.08
C LYS B 131 7.96 1.44 -9.96
N GLY B 132 8.62 0.42 -9.43
CA GLY B 132 8.08 -0.39 -8.35
C GLY B 132 9.19 -1.05 -7.58
N THR B 133 8.85 -2.01 -6.74
CA THR B 133 9.86 -2.80 -5.99
C THR B 133 10.20 -4.02 -6.82
N TYR B 134 11.50 -4.30 -6.99
CA TYR B 134 12.05 -5.39 -7.83
C TYR B 134 12.40 -6.60 -6.95
N PHE B 135 12.08 -7.79 -7.43
CA PHE B 135 12.37 -9.09 -6.78
C PHE B 135 12.98 -10.01 -7.83
N ALA B 136 14.01 -10.76 -7.45
CA ALA B 136 14.77 -11.63 -8.36
C ALA B 136 14.37 -13.09 -8.14
N VAL B 137 14.31 -13.84 -9.23
CA VAL B 137 14.12 -15.33 -9.20
C VAL B 137 15.39 -15.97 -8.64
N ASP B 138 16.57 -15.48 -9.06
CA ASP B 138 17.92 -16.04 -8.70
C ASP B 138 18.58 -15.16 -7.64
N ALA B 139 19.07 -15.76 -6.56
CA ALA B 139 19.82 -15.08 -5.48
C ALA B 139 21.03 -14.32 -6.07
N SER B 140 21.69 -14.89 -7.07
CA SER B 140 22.86 -14.27 -7.77
C SER B 140 22.55 -12.83 -8.19
N TYR B 141 21.34 -12.54 -8.67
CA TYR B 141 20.96 -11.18 -9.15
C TYR B 141 20.94 -10.23 -7.95
N SER B 142 20.25 -10.65 -6.88
CA SER B 142 20.13 -9.88 -5.62
C SER B 142 21.51 -9.74 -4.94
N ALA B 143 22.44 -10.67 -5.17
CA ALA B 143 23.77 -10.69 -4.51
C ALA B 143 24.73 -9.65 -5.09
N LYS B 144 24.39 -9.00 -6.20
CA LYS B 144 25.19 -7.90 -6.79
C LYS B 144 25.33 -6.77 -5.77
N ASP B 145 26.52 -6.17 -5.69
CA ASP B 145 26.85 -5.10 -4.71
C ASP B 145 25.91 -3.91 -4.91
N THR B 146 25.41 -3.71 -6.13
CA THR B 146 24.46 -2.64 -6.48
C THR B 146 23.15 -2.77 -5.67
N TYR B 147 22.72 -3.99 -5.29
CA TYR B 147 21.49 -4.23 -4.49
C TYR B 147 21.83 -4.56 -3.03
N SER B 148 22.55 -5.66 -2.81
CA SER B 148 23.01 -6.07 -1.45
C SER B 148 24.34 -5.38 -1.15
N LYS B 149 24.32 -4.06 -0.99
CA LYS B 149 25.53 -3.25 -0.75
C LYS B 149 26.21 -3.76 0.51
N PRO B 150 27.51 -4.13 0.45
CA PRO B 150 28.24 -4.53 1.66
C PRO B 150 28.28 -3.39 2.69
N ASP B 151 28.03 -3.71 3.97
CA ASP B 151 28.09 -2.71 5.06
C ASP B 151 29.57 -2.51 5.45
N SER B 152 29.84 -1.64 6.43
CA SER B 152 31.21 -1.29 6.87
C SER B 152 31.98 -2.52 7.41
N ASN B 153 31.29 -3.62 7.73
CA ASN B 153 31.90 -4.89 8.20
C ASN B 153 31.87 -5.96 7.10
N GLY B 154 31.50 -5.61 5.87
CA GLY B 154 31.56 -6.55 4.73
C GLY B 154 30.36 -7.49 4.70
N ARG B 155 29.33 -7.22 5.49
CA ARG B 155 28.07 -8.01 5.50
C ARG B 155 27.13 -7.48 4.42
N LYS B 156 26.61 -8.42 3.64
CA LYS B 156 25.54 -8.24 2.62
C LYS B 156 24.24 -8.80 3.19
N HIS B 157 23.10 -8.20 2.81
CA HIS B 157 21.74 -8.51 3.30
C HIS B 157 20.80 -8.80 2.12
N MET B 158 20.13 -9.94 2.15
CA MET B 158 19.14 -10.31 1.11
C MET B 158 17.92 -10.89 1.82
N TYR B 159 16.72 -10.38 1.49
CA TYR B 159 15.44 -10.93 1.95
C TYR B 159 15.01 -12.08 1.03
N VAL B 160 14.37 -13.06 1.66
CA VAL B 160 13.59 -14.10 0.96
C VAL B 160 12.13 -13.70 1.21
N VAL B 161 11.38 -13.54 0.11
CA VAL B 161 10.12 -12.75 0.12
C VAL B 161 9.01 -13.56 -0.53
N ARG B 162 7.87 -13.64 0.15
CA ARG B 162 6.62 -14.15 -0.46
C ARG B 162 6.05 -13.00 -1.29
N VAL B 163 5.93 -13.18 -2.61
CA VAL B 163 5.50 -12.08 -3.53
C VAL B 163 4.24 -12.52 -4.26
N LEU B 164 3.20 -11.68 -4.23
CA LEU B 164 1.98 -11.96 -5.02
C LEU B 164 2.16 -11.49 -6.47
N THR B 165 2.77 -12.34 -7.30
CA THR B 165 3.05 -12.08 -8.73
C THR B 165 1.76 -12.20 -9.53
N GLY B 166 0.85 -13.09 -9.12
CA GLY B 166 -0.47 -13.23 -9.76
C GLY B 166 -0.34 -13.45 -11.25
N VAL B 167 -1.18 -12.74 -12.04
CA VAL B 167 -1.11 -12.78 -13.53
C VAL B 167 -0.22 -11.62 -13.97
N PHE B 168 0.83 -11.90 -14.74
CA PHE B 168 1.85 -10.89 -15.05
C PHE B 168 2.06 -10.80 -16.56
N THR B 169 2.63 -9.69 -17.00
CA THR B 169 3.01 -9.44 -18.42
C THR B 169 4.38 -8.77 -18.43
N LYS B 170 4.98 -8.62 -19.61
CA LYS B 170 6.27 -7.91 -19.75
C LYS B 170 6.02 -6.45 -19.37
N GLY B 171 6.84 -5.89 -18.50
CA GLY B 171 6.69 -4.49 -18.05
C GLY B 171 7.30 -3.51 -19.05
N ARG B 172 7.26 -2.23 -18.68
CA ARG B 172 7.87 -1.13 -19.46
CA ARG B 172 7.76 -1.09 -19.48
C ARG B 172 8.23 0.01 -18.50
N ALA B 173 9.30 0.73 -18.84
CA ALA B 173 9.93 1.75 -17.97
C ALA B 173 8.91 2.79 -17.46
N GLY B 174 7.90 3.17 -18.22
CA GLY B 174 6.98 4.24 -17.78
C GLY B 174 6.01 3.86 -16.65
N LEU B 175 5.80 2.58 -16.37
CA LEU B 175 4.68 2.12 -15.50
C LEU B 175 4.84 2.63 -14.06
N VAL B 176 3.73 3.14 -13.53
CA VAL B 176 3.55 3.58 -12.13
C VAL B 176 2.62 2.58 -11.40
N THR B 177 1.87 1.77 -12.18
CA THR B 177 1.05 0.61 -11.73
C THR B 177 1.19 -0.47 -12.80
N PRO B 178 0.76 -1.72 -12.58
CA PRO B 178 0.81 -2.70 -13.66
C PRO B 178 -0.14 -2.23 -14.75
N PRO B 179 0.08 -2.66 -16.01
CA PRO B 179 -0.73 -2.21 -17.12
C PRO B 179 -2.10 -2.90 -17.09
N PRO B 180 -3.09 -2.33 -17.81
CA PRO B 180 -4.38 -3.01 -17.96
C PRO B 180 -4.24 -4.27 -18.82
N LYS B 181 -5.03 -5.29 -18.52
CA LYS B 181 -5.10 -6.53 -19.33
C LYS B 181 -5.69 -6.19 -20.70
N ASN B 182 -6.60 -5.21 -20.73
CA ASN B 182 -7.38 -4.79 -21.92
C ASN B 182 -7.38 -3.26 -21.97
N PRO B 183 -6.90 -2.64 -23.06
CA PRO B 183 -6.84 -1.18 -23.14
C PRO B 183 -8.20 -0.49 -23.08
N HIS B 184 -9.29 -1.19 -23.40
CA HIS B 184 -10.67 -0.62 -23.36
C HIS B 184 -11.28 -0.80 -21.96
N ASN B 185 -10.53 -1.36 -21.00
CA ASN B 185 -10.93 -1.49 -19.58
C ASN B 185 -9.73 -1.13 -18.71
N PRO B 186 -9.38 0.18 -18.64
CA PRO B 186 -8.12 0.62 -18.04
C PRO B 186 -7.92 0.26 -16.56
N THR B 187 -8.97 -0.09 -15.80
CA THR B 187 -8.83 -0.34 -14.33
C THR B 187 -8.67 -1.84 -14.02
N ASP B 188 -8.77 -2.74 -15.00
CA ASP B 188 -8.66 -4.21 -14.71
C ASP B 188 -7.20 -4.61 -15.00
N LEU B 189 -6.37 -4.72 -13.95
CA LEU B 189 -4.89 -4.68 -14.09
C LEU B 189 -4.30 -6.07 -13.99
N PHE B 190 -3.16 -6.30 -14.64
CA PHE B 190 -2.21 -7.37 -14.28
C PHE B 190 -1.80 -7.16 -12.81
N ASP B 191 -1.37 -8.23 -12.12
CA ASP B 191 -0.96 -8.14 -10.69
C ASP B 191 0.49 -7.66 -10.55
N SER B 192 1.33 -7.98 -11.53
CA SER B 192 2.78 -7.64 -11.54
C SER B 192 3.29 -7.62 -12.98
N VAL B 193 4.52 -7.16 -13.16
CA VAL B 193 5.20 -7.25 -14.47
C VAL B 193 6.53 -7.99 -14.29
N THR B 194 7.06 -8.44 -15.40
CA THR B 194 8.34 -9.19 -15.46
C THR B 194 9.17 -8.67 -16.63
N ASN B 195 10.39 -9.17 -16.76
CA ASN B 195 11.32 -8.82 -17.87
C ASN B 195 10.98 -9.68 -19.09
N ASN B 196 10.47 -10.88 -18.85
CA ASN B 196 10.26 -11.91 -19.92
C ASN B 196 9.23 -12.94 -19.44
N THR B 197 8.07 -13.08 -20.09
CA THR B 197 6.96 -13.96 -19.61
C THR B 197 7.34 -15.44 -19.79
N ARG B 198 8.13 -15.75 -20.82
CA ARG B 198 8.61 -17.12 -21.12
C ARG B 198 9.65 -17.57 -20.09
N SER B 199 10.63 -16.72 -19.75
CA SER B 199 11.70 -17.00 -18.75
C SER B 199 11.82 -15.84 -17.78
N PRO B 200 10.90 -15.71 -16.79
CA PRO B 200 10.95 -14.59 -15.85
C PRO B 200 12.22 -14.65 -15.01
N LYS B 201 12.93 -13.53 -14.88
CA LYS B 201 14.10 -13.43 -13.96
C LYS B 201 13.83 -12.37 -12.91
N LEU B 202 12.90 -11.44 -13.16
CA LEU B 202 12.53 -10.46 -12.12
C LEU B 202 11.04 -10.13 -12.20
N PHE B 203 10.50 -9.72 -11.07
CA PHE B 203 9.11 -9.24 -10.97
C PHE B 203 9.12 -7.87 -10.34
N VAL B 204 8.16 -7.04 -10.74
CA VAL B 204 7.98 -5.69 -10.16
C VAL B 204 6.56 -5.63 -9.61
N VAL B 205 6.43 -5.18 -8.37
CA VAL B 205 5.10 -4.98 -7.72
C VAL B 205 4.97 -3.50 -7.39
N PHE B 206 3.73 -3.00 -7.48
CA PHE B 206 3.45 -1.54 -7.47
C PHE B 206 2.58 -1.18 -6.27
N PHE B 207 2.22 -2.13 -5.40
CA PHE B 207 1.31 -1.85 -4.26
C PHE B 207 1.88 -2.34 -2.93
N ASP B 208 1.49 -1.65 -1.85
CA ASP B 208 1.87 -1.99 -0.47
C ASP B 208 1.25 -3.36 -0.14
N ASN B 209 1.94 -4.15 0.67
CA ASN B 209 1.39 -5.40 1.25
C ASN B 209 1.19 -6.43 0.13
N GLN B 210 1.92 -6.32 -0.99
CA GLN B 210 1.91 -7.36 -2.06
C GLN B 210 3.11 -8.30 -1.89
N ALA B 211 3.98 -8.01 -0.92
CA ALA B 211 5.21 -8.79 -0.68
C ALA B 211 5.43 -8.88 0.84
N TYR B 212 5.73 -10.05 1.37
CA TYR B 212 6.01 -10.25 2.81
C TYR B 212 7.46 -10.66 2.97
N PRO B 213 8.29 -9.88 3.69
CA PRO B 213 9.70 -10.25 3.91
C PRO B 213 9.71 -11.36 4.95
N GLU B 214 10.03 -12.58 4.55
CA GLU B 214 9.90 -13.78 5.40
C GLU B 214 11.23 -14.10 6.10
N TYR B 215 12.34 -14.03 5.37
CA TYR B 215 13.69 -14.34 5.93
C TYR B 215 14.66 -13.25 5.50
N LEU B 216 15.62 -12.95 6.38
CA LEU B 216 16.77 -12.08 6.12
C LEU B 216 18.02 -12.96 6.18
N ILE B 217 18.70 -13.07 5.04
CA ILE B 217 20.01 -13.73 4.92
C ILE B 217 21.08 -12.66 5.11
N THR B 218 21.97 -12.84 6.09
CA THR B 218 23.21 -12.05 6.25
C THR B 218 24.35 -12.92 5.71
N PHE B 219 25.15 -12.40 4.78
CA PHE B 219 26.17 -13.21 4.09
C PHE B 219 27.38 -12.32 3.77
N THR B 220 28.49 -12.99 3.43
CA THR B 220 29.82 -12.38 3.19
C THR B 220 30.49 -13.12 2.03
N ALA B 221 31.45 -12.48 1.35
CA ALA B 221 32.43 -13.15 0.47
C ALA B 221 33.30 -14.09 1.33
C4 8BW C . -4.35 18.71 -2.70
C5 8BW C . -4.55 19.57 -1.65
C6 8BW C . -2.31 20.36 -1.89
C11 8BW C . -5.84 19.74 -1.12
C7 8BW C . -1.38 21.48 -1.50
C8 8BW C . -1.93 22.91 -1.52
C9 8BW C . -1.37 23.14 -0.12
C10 8BW C . -0.97 21.67 -0.04
C12 8BW C . -6.89 19.05 -1.66
C13 8BW C . -6.71 18.19 -2.73
N1 8BW C . -7.60 16.66 -4.33
N2 8BW C . -6.31 16.46 -4.85
C3 8BW C . -5.43 18.01 -3.26
O1 8BW C . -8.98 17.63 -2.88
C1 8BW C . -7.82 17.50 -3.29
C2 8BW C . -5.23 17.10 -4.34
O2 8BW C . -4.13 16.89 -4.85
O3 8BW C . -3.51 20.28 -1.08
#